data_8TUC
#
_entry.id   8TUC
#
_cell.length_a   73.108
_cell.length_b   73.108
_cell.length_c   120.102
_cell.angle_alpha   90.00
_cell.angle_beta   90.00
_cell.angle_gamma   90.00
#
_symmetry.space_group_name_H-M   'P 43 21 2'
#
loop_
_entity.id
_entity.type
_entity.pdbx_description
1 polymer 'Calcium/calmodulin-dependent protein kinase kinase 2'
2 non-polymer '(4M)-2-cyclopentyl-4-(7-ethoxyquinazolin-4-yl)benzoic acid'
3 non-polymer 'SULFATE ION'
4 non-polymer 1,2-ETHANEDIOL
5 water water
#
_entity_poly.entity_id   1
_entity_poly.type   'polypeptide(L)'
_entity_poly.pdbx_seq_one_letter_code
;SMQLNQYTLKDEIGKGSYGVVKLAYNENDNTYYAMKVLSKKKLIRQAGFPRRPPPRGTRPAPGGCIQPRGPIEQVYQEIA
ILKKLDHPNVVKLVEVLDDPNEDHLYMVFELVNQGPVMEVPTLKPLSEDQARFYFQDLIKGIEYLHYQKIIHRDIKPSNL
LVGEDGHIKIADFGVSNEFKGSDALLSNTVGTPAFMAPESLSETRKIFSGKALDVWAMGVTLYCFVFGQCPFMDERIMCL
HSKIKSQALEFPDQPDIAEDLKDLITRMLDKNPESRIVVPEIKLHPWVTRH
;
_entity_poly.pdbx_strand_id   A
#
loop_
_chem_comp.id
_chem_comp.type
_chem_comp.name
_chem_comp.formula
EDO non-polymer 1,2-ETHANEDIOL 'C2 H6 O2'
O7I non-polymer '(4M)-2-cyclopentyl-4-(7-ethoxyquinazolin-4-yl)benzoic acid' 'C22 H22 N2 O3'
SO4 non-polymer 'SULFATE ION' 'O4 S -2'
#
# COMPACT_ATOMS: atom_id res chain seq x y z
N SER A 1 11.35 25.14 -12.65
CA SER A 1 11.20 23.78 -13.21
C SER A 1 12.51 23.33 -13.79
N MET A 2 12.55 22.08 -14.25
CA MET A 2 13.70 21.55 -15.03
C MET A 2 13.18 20.68 -16.14
N GLN A 3 14.01 20.42 -17.12
CA GLN A 3 13.62 19.64 -18.26
C GLN A 3 14.30 18.29 -18.22
N LEU A 4 13.56 17.26 -18.54
CA LEU A 4 14.09 15.89 -18.64
C LEU A 4 13.44 15.25 -19.85
N ASN A 5 14.20 15.10 -20.94
CA ASN A 5 13.56 14.68 -22.19
C ASN A 5 12.32 15.50 -22.54
N GLN A 6 11.20 14.88 -22.79
CA GLN A 6 10.02 15.60 -23.12
C GLN A 6 9.24 16.11 -21.93
N TYR A 7 9.78 15.92 -20.72
CA TYR A 7 9.08 16.31 -19.49
C TYR A 7 9.63 17.58 -18.91
N THR A 8 8.75 18.41 -18.39
CA THR A 8 9.10 19.51 -17.51
C THR A 8 8.70 19.18 -16.11
N LEU A 9 9.67 19.09 -15.22
CA LEU A 9 9.42 18.62 -13.88
C LEU A 9 9.14 19.83 -13.02
N LYS A 10 8.12 19.75 -12.18
CA LYS A 10 7.66 20.87 -11.41
C LYS A 10 7.62 20.57 -9.92
N ASP A 11 6.48 20.91 -9.27
CA ASP A 11 6.40 20.76 -7.84
C ASP A 11 6.40 19.30 -7.38
N GLU A 12 6.89 19.10 -6.20
CA GLU A 12 6.77 17.79 -5.51
C GLU A 12 5.34 17.55 -5.16
N ILE A 13 4.83 16.37 -5.50
CA ILE A 13 3.45 16.02 -5.24
C ILE A 13 3.32 14.81 -4.31
N GLY A 14 4.43 14.16 -3.98
CA GLY A 14 4.30 13.01 -3.15
C GLY A 14 5.64 12.56 -2.69
N LYS A 15 5.65 11.72 -1.63
CA LYS A 15 6.94 11.12 -1.20
C LYS A 15 6.65 9.81 -0.53
N GLY A 16 7.03 8.72 -1.20
CA GLY A 16 6.65 7.36 -0.78
C GLY A 16 7.79 6.73 -0.04
N SER A 17 7.86 5.42 -0.17
CA SER A 17 8.94 4.69 0.51
C SER A 17 10.31 5.06 -0.05
N TYR A 18 10.34 5.35 -1.33
CA TYR A 18 11.64 5.64 -1.95
C TYR A 18 11.48 6.82 -2.83
N GLY A 19 12.55 7.56 -2.97
CA GLY A 19 12.52 8.69 -3.93
C GLY A 19 11.53 9.77 -3.58
N VAL A 20 11.21 10.53 -4.60
CA VAL A 20 10.21 11.57 -4.45
CA VAL A 20 10.20 11.62 -4.44
C VAL A 20 9.39 11.63 -5.73
N VAL A 21 8.19 12.15 -5.68
CA VAL A 21 7.35 12.23 -6.85
C VAL A 21 7.11 13.69 -7.25
N LYS A 22 7.41 14.00 -8.51
CA LYS A 22 7.21 15.31 -9.04
C LYS A 22 6.14 15.36 -10.08
N LEU A 23 5.42 16.49 -10.16
CA LEU A 23 4.50 16.70 -11.24
C LEU A 23 5.31 16.89 -12.51
N ALA A 24 4.90 16.29 -13.60
CA ALA A 24 5.70 16.32 -14.81
C ALA A 24 4.85 16.58 -16.00
N TYR A 25 5.10 17.65 -16.70
CA TYR A 25 4.40 17.96 -17.92
C TYR A 25 5.04 17.35 -19.17
N ASN A 26 4.27 16.59 -19.96
CA ASN A 26 4.76 15.94 -21.16
C ASN A 26 4.41 16.86 -22.34
N GLU A 27 5.42 17.46 -22.96
CA GLU A 27 5.13 18.39 -24.02
C GLU A 27 4.73 17.65 -25.28
N ASN A 28 4.97 16.36 -25.41
CA ASN A 28 4.55 15.65 -26.63
C ASN A 28 3.02 15.44 -26.68
N ASP A 29 2.36 15.26 -25.55
CA ASP A 29 0.97 14.99 -25.51
C ASP A 29 0.19 15.96 -24.64
N ASN A 30 0.81 17.03 -24.25
CA ASN A 30 0.15 18.08 -23.50
C ASN A 30 -0.56 17.60 -22.24
N THR A 31 0.06 16.63 -21.59
CA THR A 31 -0.54 15.95 -20.44
C THR A 31 0.38 15.88 -19.28
N TYR A 32 -0.14 16.06 -18.10
CA TYR A 32 0.65 15.94 -16.87
C TYR A 32 0.64 14.49 -16.40
N TYR A 33 1.77 14.13 -15.85
CA TYR A 33 2.07 12.85 -15.25
C TYR A 33 2.66 13.01 -13.90
N ALA A 34 2.79 11.90 -13.15
CA ALA A 34 3.57 11.85 -11.90
C ALA A 34 4.88 11.16 -12.16
N MET A 35 6.00 11.79 -11.85
CA MET A 35 7.31 11.16 -12.04
C MET A 35 7.99 10.89 -10.71
N LYS A 36 8.22 9.62 -10.43
CA LYS A 36 9.06 9.22 -9.32
C LYS A 36 10.52 9.26 -9.70
N VAL A 37 11.26 10.03 -8.94
CA VAL A 37 12.66 10.26 -9.18
C VAL A 37 13.49 9.55 -8.10
N LEU A 38 14.40 8.72 -8.54
CA LEU A 38 15.22 7.81 -7.67
C LEU A 38 16.71 7.92 -8.03
N SER A 39 17.51 7.69 -6.99
CA SER A 39 18.99 7.49 -7.10
C SER A 39 19.32 6.04 -6.86
N LYS A 40 19.91 5.40 -7.84
CA LYS A 40 20.33 4.00 -7.71
C LYS A 40 21.30 3.81 -6.52
N LYS A 41 22.25 4.71 -6.35
CA LYS A 41 23.21 4.61 -5.23
C LYS A 41 22.52 4.77 -3.90
N LYS A 42 21.54 5.63 -3.87
CA LYS A 42 20.85 5.85 -2.63
C LYS A 42 20.01 4.68 -2.25
N LEU A 43 19.37 4.04 -3.23
CA LEU A 43 18.59 2.88 -2.98
C LEU A 43 19.47 1.77 -2.39
N ILE A 44 20.63 1.64 -2.99
CA ILE A 44 21.58 0.58 -2.50
C ILE A 44 21.91 0.80 -1.00
N ARG A 45 22.26 2.04 -0.70
CA ARG A 45 22.58 2.47 0.65
C ARG A 45 21.44 2.33 1.64
N GLN A 46 20.22 2.51 1.15
CA GLN A 46 19.06 2.42 2.03
C GLN A 46 18.90 1.04 2.61
N ALA A 47 19.33 0.01 1.87
CA ALA A 47 19.26 -1.34 2.39
C ALA A 47 20.34 -1.59 3.49
N GLY A 48 21.27 -0.64 3.67
CA GLY A 48 22.32 -0.74 4.67
C GLY A 48 23.63 -1.26 4.12
N PHE A 49 24.69 -1.07 4.91
CA PHE A 49 26.01 -1.52 4.49
C PHE A 49 26.17 -3.03 4.51
N PRO A 50 26.79 -3.56 3.42
CA PRO A 50 27.19 -4.99 3.41
C PRO A 50 28.05 -5.41 4.62
N ARG A 51 27.83 -6.63 5.09
CA ARG A 51 28.46 -7.11 6.33
C ARG A 51 29.70 -7.98 6.06
N CYS A 65 17.30 -13.16 8.50
CA CYS A 65 17.55 -11.71 8.48
C CYS A 65 18.73 -11.28 7.67
N ILE A 66 19.30 -12.19 6.88
CA ILE A 66 20.41 -11.86 5.98
C ILE A 66 19.99 -10.82 4.93
N GLN A 67 20.84 -9.80 4.80
CA GLN A 67 20.68 -8.76 3.77
C GLN A 67 20.81 -9.48 2.40
N PRO A 68 19.74 -9.48 1.54
CA PRO A 68 20.14 -10.06 0.23
C PRO A 68 21.26 -9.27 -0.56
N ARG A 69 21.92 -9.99 -1.44
CA ARG A 69 23.20 -9.57 -1.97
C ARG A 69 23.23 -8.35 -2.87
N GLY A 70 22.18 -8.25 -3.69
CA GLY A 70 22.03 -7.19 -4.71
C GLY A 70 20.77 -6.37 -4.41
N PRO A 71 20.86 -5.36 -3.54
CA PRO A 71 19.64 -4.62 -3.17
C PRO A 71 19.00 -3.78 -4.26
N ILE A 72 19.75 -3.40 -5.32
CA ILE A 72 19.18 -2.56 -6.42
C ILE A 72 18.14 -3.39 -7.19
N GLU A 73 18.12 -4.68 -6.89
CA GLU A 73 17.19 -5.54 -7.54
C GLU A 73 15.75 -5.19 -7.18
N GLN A 74 15.50 -4.66 -5.99
CA GLN A 74 14.18 -4.40 -5.54
C GLN A 74 13.51 -3.35 -6.45
N VAL A 75 14.20 -2.29 -6.83
CA VAL A 75 13.52 -1.30 -7.72
C VAL A 75 13.24 -1.89 -9.09
N TYR A 76 14.10 -2.78 -9.62
CA TYR A 76 13.80 -3.36 -10.88
C TYR A 76 12.72 -4.37 -10.78
N GLN A 77 12.54 -4.96 -9.61
CA GLN A 77 11.42 -5.78 -9.43
C GLN A 77 10.10 -4.99 -9.35
N GLU A 78 10.14 -3.84 -8.66
CA GLU A 78 8.98 -2.94 -8.66
C GLU A 78 8.56 -2.62 -10.10
N ILE A 79 9.53 -2.28 -10.92
CA ILE A 79 9.27 -1.95 -12.29
C ILE A 79 8.63 -3.12 -13.06
N ALA A 80 9.20 -4.31 -12.88
CA ALA A 80 8.64 -5.47 -13.52
C ALA A 80 7.26 -5.79 -13.03
N ILE A 81 7.01 -5.58 -11.76
CA ILE A 81 5.66 -5.72 -11.22
C ILE A 81 4.70 -4.74 -11.85
N LEU A 82 5.09 -3.49 -11.84
CA LEU A 82 4.21 -2.50 -12.41
C LEU A 82 3.89 -2.70 -13.88
N LYS A 83 4.84 -3.18 -14.62
CA LYS A 83 4.59 -3.40 -16.04
C LYS A 83 3.56 -4.50 -16.27
N LYS A 84 3.40 -5.39 -15.31
CA LYS A 84 2.43 -6.53 -15.43
C LYS A 84 1.00 -6.07 -15.12
N LEU A 85 0.85 -4.92 -14.45
CA LEU A 85 -0.45 -4.55 -13.86
C LEU A 85 -1.16 -3.52 -14.68
N ASP A 86 -2.40 -3.86 -15.02
CA ASP A 86 -3.25 -2.97 -15.80
C ASP A 86 -4.68 -3.10 -15.26
N HIS A 87 -5.05 -2.19 -14.39
CA HIS A 87 -6.33 -2.24 -13.65
C HIS A 87 -6.74 -0.84 -13.25
N PRO A 88 -8.02 -0.54 -13.23
CA PRO A 88 -8.46 0.84 -12.90
C PRO A 88 -8.25 1.26 -11.50
N ASN A 89 -8.03 0.33 -10.58
CA ASN A 89 -7.76 0.67 -9.22
C ASN A 89 -6.27 0.45 -8.83
N VAL A 90 -5.39 0.47 -9.80
CA VAL A 90 -3.94 0.33 -9.58
C VAL A 90 -3.28 1.41 -10.42
N VAL A 91 -2.30 2.09 -9.87
CA VAL A 91 -1.57 3.05 -10.70
C VAL A 91 -0.94 2.47 -11.92
N LYS A 92 -0.79 3.30 -12.92
CA LYS A 92 -0.33 2.87 -14.24
C LYS A 92 1.03 3.50 -14.59
N LEU A 93 2.04 2.66 -14.64
CA LEU A 93 3.36 3.05 -15.08
C LEU A 93 3.32 3.20 -16.59
N VAL A 94 3.80 4.32 -17.10
CA VAL A 94 3.79 4.58 -18.53
C VAL A 94 5.17 4.68 -19.19
N GLU A 95 6.22 4.96 -18.42
CA GLU A 95 7.55 5.09 -18.98
C GLU A 95 8.55 4.91 -17.88
N VAL A 96 9.70 4.30 -18.23
CA VAL A 96 10.86 4.28 -17.33
C VAL A 96 12.00 4.93 -18.10
N LEU A 97 12.66 5.89 -17.46
CA LEU A 97 13.90 6.49 -18.01
C LEU A 97 15.05 6.02 -17.16
N ASP A 98 15.99 5.32 -17.79
CA ASP A 98 17.07 4.74 -17.04
C ASP A 98 18.30 4.59 -17.93
N ASP A 99 19.17 5.53 -17.86
CA ASP A 99 20.50 5.41 -18.51
C ASP A 99 21.45 4.63 -17.63
N PRO A 100 22.06 3.56 -18.16
CA PRO A 100 22.97 2.73 -17.36
C PRO A 100 24.22 3.47 -16.87
N ASN A 101 24.52 4.63 -17.45
CA ASN A 101 25.67 5.44 -17.02
C ASN A 101 25.25 6.65 -16.21
N GLU A 102 24.00 6.65 -15.72
CA GLU A 102 23.48 7.74 -14.90
C GLU A 102 23.01 7.13 -13.58
N ASP A 103 23.09 7.90 -12.52
CA ASP A 103 22.72 7.37 -11.21
C ASP A 103 21.18 7.47 -11.04
N HIS A 104 20.56 8.40 -11.73
CA HIS A 104 19.08 8.59 -11.56
C HIS A 104 18.27 7.62 -12.39
N LEU A 105 17.07 7.31 -11.89
CA LEU A 105 16.13 6.46 -12.60
C LEU A 105 14.79 7.12 -12.39
N TYR A 106 13.99 7.16 -13.42
CA TYR A 106 12.74 7.91 -13.36
C TYR A 106 11.59 6.98 -13.82
N MET A 107 10.51 6.99 -13.05
CA MET A 107 9.34 6.17 -13.33
C MET A 107 8.17 7.09 -13.46
N VAL A 108 7.54 7.06 -14.62
CA VAL A 108 6.47 7.99 -15.01
C VAL A 108 5.12 7.24 -14.93
N PHE A 109 4.24 7.82 -14.14
CA PHE A 109 2.89 7.27 -13.91
C PHE A 109 1.81 8.20 -14.43
N GLU A 110 0.66 7.60 -14.83
CA GLU A 110 -0.49 8.41 -15.02
C GLU A 110 -0.85 9.15 -13.71
N LEU A 111 -1.18 10.44 -13.83
CA LEU A 111 -1.46 11.24 -12.65
C LEU A 111 -2.81 10.91 -12.02
N VAL A 112 -2.95 10.91 -10.75
CA VAL A 112 -4.21 10.60 -10.06
C VAL A 112 -4.44 11.89 -9.26
N ASN A 113 -5.35 12.74 -9.79
CA ASN A 113 -5.30 14.16 -9.47
C ASN A 113 -5.42 14.56 -8.04
N GLN A 114 -6.22 13.88 -7.24
CA GLN A 114 -6.46 14.37 -5.85
C GLN A 114 -5.50 13.94 -4.82
N GLY A 115 -4.62 12.97 -5.17
CA GLY A 115 -3.61 12.54 -4.21
C GLY A 115 -4.18 11.59 -3.19
N PRO A 116 -3.40 11.31 -2.13
CA PRO A 116 -3.76 10.33 -1.15
C PRO A 116 -5.07 10.57 -0.55
N VAL A 117 -5.80 9.52 -0.26
CA VAL A 117 -7.12 9.70 0.27
C VAL A 117 -7.11 10.21 1.72
N MET A 118 -6.11 9.91 2.51
CA MET A 118 -6.08 10.27 3.97
C MET A 118 -4.63 10.10 4.39
N GLU A 119 -4.13 10.88 5.35
CA GLU A 119 -2.87 10.58 5.96
C GLU A 119 -3.19 10.30 7.44
N VAL A 120 -3.05 9.07 7.88
CA VAL A 120 -3.37 8.72 9.25
C VAL A 120 -2.24 9.24 10.17
N PRO A 121 -2.60 9.85 11.28
CA PRO A 121 -3.95 10.01 11.74
C PRO A 121 -4.59 11.29 11.27
N THR A 122 -5.91 11.27 11.19
CA THR A 122 -6.74 12.46 10.78
C THR A 122 -7.91 12.65 11.73
N LEU A 123 -8.31 13.90 11.92
CA LEU A 123 -9.48 14.22 12.74
C LEU A 123 -10.72 14.21 11.90
N LYS A 124 -10.54 13.84 10.60
CA LYS A 124 -11.60 13.95 9.62
C LYS A 124 -11.73 12.63 8.89
N PRO A 125 -12.27 11.67 9.57
CA PRO A 125 -12.60 10.43 8.90
C PRO A 125 -13.72 10.52 7.83
N LEU A 126 -13.79 9.46 7.03
CA LEU A 126 -14.81 9.33 6.01
C LEU A 126 -16.06 8.86 6.63
N SER A 127 -17.17 9.19 5.96
CA SER A 127 -18.44 8.58 6.27
C SER A 127 -18.44 7.07 5.96
N GLU A 128 -19.36 6.34 6.52
CA GLU A 128 -19.45 4.92 6.23
CA GLU A 128 -19.42 4.92 6.23
C GLU A 128 -19.69 4.67 4.75
N ASP A 129 -20.60 5.44 4.12
CA ASP A 129 -20.80 5.23 2.72
C ASP A 129 -19.61 5.53 1.85
N GLN A 130 -18.87 6.59 2.19
CA GLN A 130 -17.76 6.92 1.36
C GLN A 130 -16.63 5.91 1.60
N ALA A 131 -16.46 5.47 2.83
CA ALA A 131 -15.54 4.40 3.15
C ALA A 131 -15.89 3.12 2.37
N ARG A 132 -17.16 2.82 2.21
CA ARG A 132 -17.56 1.65 1.45
C ARG A 132 -17.18 1.77 -0.03
N PHE A 133 -17.38 2.92 -0.60
CA PHE A 133 -17.05 3.18 -2.00
C PHE A 133 -15.57 2.99 -2.27
N TYR A 134 -14.75 3.61 -1.40
CA TYR A 134 -13.32 3.43 -1.53
C TYR A 134 -12.86 1.99 -1.26
N PHE A 135 -13.50 1.35 -0.29
CA PHE A 135 -13.13 0.02 0.07
C PHE A 135 -13.47 -0.94 -1.07
N GLN A 136 -14.57 -0.69 -1.78
CA GLN A 136 -14.91 -1.52 -2.94
C GLN A 136 -13.84 -1.40 -4.01
N ASP A 137 -13.26 -0.22 -4.22
CA ASP A 137 -12.16 -0.05 -5.14
C ASP A 137 -10.96 -0.83 -4.65
N LEU A 138 -10.67 -0.72 -3.37
CA LEU A 138 -9.56 -1.41 -2.77
C LEU A 138 -9.65 -2.93 -2.99
N ILE A 139 -10.84 -3.49 -2.78
CA ILE A 139 -11.04 -4.92 -3.01
C ILE A 139 -10.76 -5.32 -4.48
N LYS A 140 -11.26 -4.52 -5.41
CA LYS A 140 -11.00 -4.77 -6.83
C LYS A 140 -9.55 -4.71 -7.14
N GLY A 141 -8.86 -3.75 -6.59
CA GLY A 141 -7.44 -3.69 -6.86
C GLY A 141 -6.64 -4.80 -6.25
N ILE A 142 -6.95 -5.15 -5.00
CA ILE A 142 -6.20 -6.18 -4.30
C ILE A 142 -6.48 -7.52 -4.93
N GLU A 143 -7.71 -7.80 -5.27
CA GLU A 143 -7.93 -9.17 -5.86
C GLU A 143 -7.20 -9.29 -7.18
N TYR A 144 -7.12 -8.20 -7.94
CA TYR A 144 -6.35 -8.23 -9.13
C TYR A 144 -4.85 -8.43 -8.88
N LEU A 145 -4.30 -7.70 -7.93
CA LEU A 145 -2.89 -7.91 -7.55
C LEU A 145 -2.67 -9.36 -7.20
N HIS A 146 -3.48 -9.87 -6.31
CA HIS A 146 -3.32 -11.24 -5.85
C HIS A 146 -3.41 -12.26 -6.98
N TYR A 147 -4.34 -12.01 -7.90
CA TYR A 147 -4.46 -12.88 -9.05
C TYR A 147 -3.23 -12.87 -9.92
N GLN A 148 -2.58 -11.73 -9.97
CA GLN A 148 -1.34 -11.54 -10.69
C GLN A 148 -0.11 -11.96 -9.89
N LYS A 149 -0.35 -12.58 -8.75
CA LYS A 149 0.72 -13.15 -7.87
C LYS A 149 1.60 -12.06 -7.29
N ILE A 150 0.98 -10.96 -6.97
CA ILE A 150 1.62 -9.83 -6.33
C ILE A 150 1.02 -9.62 -4.95
N ILE A 151 1.86 -9.49 -3.94
CA ILE A 151 1.47 -8.94 -2.66
C ILE A 151 2.02 -7.53 -2.55
N HIS A 152 1.18 -6.65 -2.02
CA HIS A 152 1.59 -5.21 -1.99
C HIS A 152 2.49 -4.90 -0.81
N ARG A 153 2.12 -5.40 0.35
CA ARG A 153 2.88 -5.24 1.60
C ARG A 153 2.88 -3.89 2.20
N ASP A 154 2.29 -2.87 1.62
CA ASP A 154 2.20 -1.56 2.31
C ASP A 154 0.86 -0.93 2.06
N ILE A 155 -0.21 -1.71 2.19
CA ILE A 155 -1.52 -1.12 2.08
C ILE A 155 -1.83 -0.24 3.27
N LYS A 156 -2.20 0.99 2.99
CA LYS A 156 -2.53 1.97 4.01
C LYS A 156 -3.15 3.15 3.31
N PRO A 157 -3.98 3.97 4.01
CA PRO A 157 -4.71 5.00 3.27
C PRO A 157 -3.77 6.00 2.53
N SER A 158 -2.59 6.30 3.00
CA SER A 158 -1.73 7.24 2.36
C SER A 158 -1.15 6.73 1.01
N ASN A 159 -1.28 5.41 0.73
CA ASN A 159 -0.84 4.80 -0.54
C ASN A 159 -2.01 4.61 -1.49
N LEU A 160 -3.18 5.15 -1.15
CA LEU A 160 -4.38 5.05 -1.94
C LEU A 160 -4.74 6.43 -2.54
N LEU A 161 -4.54 6.57 -3.86
CA LEU A 161 -4.69 7.87 -4.53
C LEU A 161 -6.11 8.02 -5.03
N VAL A 162 -6.67 9.21 -4.84
CA VAL A 162 -8.05 9.43 -5.34
C VAL A 162 -8.01 10.17 -6.64
N GLY A 163 -8.62 9.65 -7.69
CA GLY A 163 -8.70 10.29 -8.95
C GLY A 163 -9.83 11.33 -9.07
N GLU A 164 -9.80 12.06 -10.14
CA GLU A 164 -10.84 13.04 -10.39
C GLU A 164 -12.24 12.40 -10.44
N ASP A 165 -12.27 11.12 -10.83
CA ASP A 165 -13.49 10.35 -10.90
C ASP A 165 -13.98 9.81 -9.56
N GLY A 166 -13.23 10.08 -8.48
CA GLY A 166 -13.57 9.77 -7.12
C GLY A 166 -13.28 8.26 -6.80
N HIS A 167 -12.51 7.61 -7.68
CA HIS A 167 -12.07 6.23 -7.43
C HIS A 167 -10.64 6.19 -6.99
N ILE A 168 -10.31 5.19 -6.16
CA ILE A 168 -8.96 4.97 -5.63
C ILE A 168 -8.13 4.20 -6.54
N LYS A 169 -6.84 4.54 -6.59
CA LYS A 169 -5.81 3.70 -7.24
C LYS A 169 -4.77 3.34 -6.19
N ILE A 170 -4.41 2.08 -6.07
CA ILE A 170 -3.37 1.58 -5.17
C ILE A 170 -1.99 2.01 -5.78
N ALA A 171 -1.17 2.63 -4.96
CA ALA A 171 0.11 3.14 -5.38
C ALA A 171 1.19 2.65 -4.46
N ASP A 172 2.42 3.05 -4.75
CA ASP A 172 3.62 2.73 -3.98
C ASP A 172 3.90 1.22 -3.86
N PHE A 173 4.36 0.65 -4.97
CA PHE A 173 4.78 -0.74 -5.07
C PHE A 173 6.22 -0.97 -4.66
N GLY A 174 6.78 -0.03 -3.91
CA GLY A 174 8.16 -0.08 -3.60
C GLY A 174 8.66 -1.26 -2.78
N VAL A 175 7.77 -1.87 -2.01
CA VAL A 175 8.12 -3.04 -1.26
C VAL A 175 7.30 -4.30 -1.67
N SER A 176 6.57 -4.24 -2.78
CA SER A 176 5.76 -5.28 -3.28
C SER A 176 6.63 -6.49 -3.65
N ASN A 177 6.04 -7.65 -3.62
CA ASN A 177 6.75 -8.86 -4.02
C ASN A 177 5.88 -9.73 -4.95
N GLU A 178 6.48 -10.34 -5.92
CA GLU A 178 5.84 -11.29 -6.76
C GLU A 178 6.15 -12.68 -6.29
N PHE A 179 5.16 -13.53 -6.19
CA PHE A 179 5.40 -14.85 -5.72
C PHE A 179 5.08 -15.79 -6.84
N LYS A 180 5.52 -17.05 -6.63
CA LYS A 180 4.96 -18.16 -7.47
C LYS A 180 4.12 -19.10 -6.67
N GLY A 181 3.33 -19.83 -7.41
CA GLY A 181 2.32 -20.69 -6.87
C GLY A 181 1.25 -19.88 -6.17
N SER A 182 0.73 -20.43 -5.07
CA SER A 182 -0.53 -19.99 -4.57
C SER A 182 -0.46 -18.83 -3.58
N ASP A 183 0.69 -18.60 -2.97
CA ASP A 183 0.82 -17.55 -1.97
C ASP A 183 2.30 -17.35 -1.75
N ALA A 184 2.68 -16.21 -1.16
CA ALA A 184 4.04 -15.97 -0.74
C ALA A 184 4.20 -16.58 0.63
N LEU A 185 5.33 -17.25 0.86
CA LEU A 185 5.68 -17.82 2.16
C LEU A 185 6.82 -17.02 2.70
N LEU A 186 6.63 -16.39 3.88
CA LEU A 186 7.63 -15.42 4.40
C LEU A 186 8.07 -15.80 5.80
N SER A 187 9.35 -15.61 6.11
CA SER A 187 9.83 -15.69 7.49
C SER A 187 9.71 -14.32 8.17
N ASN A 188 10.03 -13.25 7.45
CA ASN A 188 9.87 -11.88 7.95
C ASN A 188 9.35 -11.05 6.75
N THR A 189 8.88 -9.86 7.03
CA THR A 189 8.35 -8.98 6.01
C THR A 189 8.57 -7.52 6.39
N VAL A 190 8.23 -6.67 5.44
CA VAL A 190 8.40 -5.25 5.52
C VAL A 190 7.02 -4.72 5.71
N GLY A 191 6.87 -3.50 6.15
CA GLY A 191 5.57 -2.89 6.26
C GLY A 191 5.62 -1.68 7.08
N THR A 192 4.59 -0.85 7.06
CA THR A 192 4.43 0.21 8.00
C THR A 192 4.00 -0.39 9.36
N PRO A 193 4.71 -0.13 10.45
CA PRO A 193 4.49 -0.96 11.69
C PRO A 193 3.04 -1.01 12.19
N ALA A 194 2.28 0.11 12.12
CA ALA A 194 0.90 0.05 12.61
C ALA A 194 -0.01 -0.76 11.76
N PHE A 195 0.43 -1.09 10.57
CA PHE A 195 -0.36 -1.89 9.62
C PHE A 195 0.05 -3.35 9.52
N MET A 196 1.13 -3.72 10.24
CA MET A 196 1.66 -5.06 10.10
C MET A 196 0.82 -6.04 10.96
N ALA A 197 0.66 -7.21 10.43
CA ALA A 197 -0.17 -8.21 11.04
C ALA A 197 0.61 -8.90 12.16
N PRO A 198 -0.14 -9.37 13.17
CA PRO A 198 0.52 -9.93 14.37
C PRO A 198 1.47 -11.09 14.15
N GLU A 199 1.13 -11.93 13.20
CA GLU A 199 1.98 -13.09 12.85
C GLU A 199 3.34 -12.67 12.32
N SER A 200 3.51 -11.43 11.84
CA SER A 200 4.75 -10.97 11.33
C SER A 200 5.61 -10.31 12.37
N LEU A 201 5.12 -10.23 13.61
CA LEU A 201 5.76 -9.47 14.68
C LEU A 201 6.28 -10.29 15.81
N SER A 202 6.38 -11.53 15.60
CA SER A 202 7.07 -12.26 16.66
C SER A 202 8.23 -13.05 16.08
N GLU A 203 9.23 -13.42 16.88
CA GLU A 203 10.24 -14.33 16.35
C GLU A 203 9.68 -15.71 16.59
N THR A 204 9.29 -16.42 15.56
CA THR A 204 8.66 -17.74 15.78
C THR A 204 9.32 -18.60 14.76
N ARG A 205 9.21 -19.93 14.89
CA ARG A 205 9.72 -20.84 13.83
C ARG A 205 8.84 -20.97 12.57
N LYS A 206 7.62 -20.44 12.66
CA LYS A 206 6.57 -20.61 11.65
C LYS A 206 6.54 -19.48 10.63
N ILE A 207 6.69 -19.80 9.35
CA ILE A 207 6.49 -18.83 8.28
C ILE A 207 5.02 -18.45 8.27
N PHE A 208 4.71 -17.43 7.45
CA PHE A 208 3.37 -16.92 7.32
C PHE A 208 3.10 -16.52 5.89
N SER A 209 1.86 -16.49 5.57
CA SER A 209 1.45 -16.15 4.27
C SER A 209 1.30 -14.69 3.96
N GLY A 210 1.67 -14.37 2.73
CA GLY A 210 1.70 -12.96 2.35
C GLY A 210 0.35 -12.36 2.01
N LYS A 211 -0.55 -13.09 1.39
CA LYS A 211 -1.83 -12.52 1.08
C LYS A 211 -2.63 -12.12 2.33
N ALA A 212 -2.52 -12.91 3.41
CA ALA A 212 -3.21 -12.58 4.62
C ALA A 212 -2.67 -11.32 5.29
N LEU A 213 -1.38 -11.04 5.07
CA LEU A 213 -0.84 -9.73 5.56
C LEU A 213 -1.55 -8.56 4.85
N ASP A 214 -1.78 -8.67 3.55
CA ASP A 214 -2.48 -7.66 2.81
C ASP A 214 -3.89 -7.54 3.38
N VAL A 215 -4.56 -8.68 3.68
CA VAL A 215 -5.89 -8.52 4.23
C VAL A 215 -5.87 -7.77 5.59
N TRP A 216 -4.98 -8.15 6.51
CA TRP A 216 -4.87 -7.45 7.79
C TRP A 216 -4.71 -5.91 7.53
N ALA A 217 -3.80 -5.57 6.62
CA ALA A 217 -3.59 -4.16 6.29
C ALA A 217 -4.81 -3.48 5.72
N MET A 218 -5.58 -4.22 4.92
CA MET A 218 -6.90 -3.72 4.46
C MET A 218 -7.83 -3.44 5.61
N GLY A 219 -7.76 -4.28 6.63
CA GLY A 219 -8.59 -4.12 7.79
C GLY A 219 -8.25 -2.92 8.56
N VAL A 220 -6.96 -2.74 8.81
CA VAL A 220 -6.49 -1.53 9.51
C VAL A 220 -6.84 -0.30 8.65
N THR A 221 -6.70 -0.40 7.33
CA THR A 221 -7.09 0.70 6.45
C THR A 221 -8.57 1.09 6.60
N LEU A 222 -9.42 0.06 6.61
CA LEU A 222 -10.88 0.30 6.73
C LEU A 222 -11.20 0.93 8.04
N TYR A 223 -10.58 0.44 9.11
CA TYR A 223 -10.76 1.02 10.42
C TYR A 223 -10.35 2.50 10.35
N CYS A 224 -9.21 2.78 9.73
CA CYS A 224 -8.77 4.13 9.58
C CYS A 224 -9.73 4.99 8.72
N PHE A 225 -10.30 4.44 7.68
CA PHE A 225 -11.23 5.15 6.87
C PHE A 225 -12.35 5.72 7.76
N VAL A 226 -12.90 4.93 8.66
CA VAL A 226 -14.06 5.40 9.42
C VAL A 226 -13.74 6.07 10.74
N PHE A 227 -12.56 5.84 11.32
CA PHE A 227 -12.22 6.41 12.62
C PHE A 227 -11.08 7.40 12.60
N GLY A 228 -10.30 7.35 11.53
CA GLY A 228 -9.21 8.30 11.34
C GLY A 228 -7.93 7.96 12.03
N GLN A 229 -7.89 6.82 12.73
CA GLN A 229 -6.70 6.38 13.38
C GLN A 229 -6.72 4.87 13.45
N CYS A 230 -5.54 4.27 13.62
CA CYS A 230 -5.40 2.84 13.69
C CYS A 230 -5.96 2.25 14.98
N PRO A 231 -6.36 0.97 14.95
CA PRO A 231 -6.93 0.34 16.07
C PRO A 231 -5.94 0.04 17.17
N PHE A 232 -4.65 -0.08 16.77
CA PHE A 232 -3.62 -0.37 17.75
C PHE A 232 -2.61 0.72 17.57
N MET A 233 -2.28 1.43 18.65
CA MET A 233 -1.42 2.54 18.50
C MET A 233 -0.66 2.78 19.79
N ASP A 234 0.60 3.07 19.63
CA ASP A 234 1.41 3.42 20.76
C ASP A 234 2.65 4.08 20.12
N GLU A 235 3.16 5.13 20.73
CA GLU A 235 4.43 5.73 20.24
C GLU A 235 5.67 4.97 20.55
N ARG A 236 5.58 4.02 21.47
CA ARG A 236 6.69 3.18 21.85
C ARG A 236 6.61 1.92 21.01
N ILE A 237 7.57 1.72 20.07
CA ILE A 237 7.46 0.65 19.10
C ILE A 237 7.21 -0.69 19.74
N MET A 238 7.92 -1.04 20.83
CA MET A 238 7.69 -2.32 21.40
C MET A 238 6.24 -2.47 21.95
N CYS A 239 5.70 -1.38 22.45
CA CYS A 239 4.32 -1.39 22.96
C CYS A 239 3.32 -1.50 21.75
N LEU A 240 3.62 -0.86 20.61
CA LEU A 240 2.79 -0.98 19.43
C LEU A 240 2.79 -2.43 19.03
N HIS A 241 3.94 -3.04 18.92
CA HIS A 241 3.97 -4.45 18.50
C HIS A 241 3.20 -5.34 19.48
N SER A 242 3.40 -5.10 20.78
CA SER A 242 2.71 -5.91 21.79
C SER A 242 1.18 -5.79 21.61
N LYS A 243 0.73 -4.59 21.39
CA LYS A 243 -0.77 -4.35 21.25
C LYS A 243 -1.30 -5.05 20.03
N ILE A 244 -0.59 -4.95 18.90
CA ILE A 244 -0.99 -5.68 17.72
C ILE A 244 -1.14 -7.15 17.98
N LYS A 245 -0.22 -7.72 18.73
CA LYS A 245 -0.26 -9.14 19.02
C LYS A 245 -1.26 -9.52 20.10
N SER A 246 -1.50 -8.65 21.06
CA SER A 246 -2.19 -9.07 22.31
C SER A 246 -3.41 -8.31 22.67
N GLN A 247 -3.64 -7.13 22.11
CA GLN A 247 -4.78 -6.32 22.50
C GLN A 247 -5.98 -6.69 21.66
N ALA A 248 -7.14 -6.87 22.32
CA ALA A 248 -8.34 -7.17 21.63
C ALA A 248 -8.76 -5.94 20.81
N LEU A 249 -9.34 -6.11 19.64
CA LEU A 249 -9.83 -4.96 18.87
C LEU A 249 -11.00 -4.28 19.62
N GLU A 250 -10.99 -2.95 19.67
CA GLU A 250 -12.11 -2.21 20.21
C GLU A 250 -12.50 -1.10 19.26
N PHE A 251 -13.74 -0.71 19.30
CA PHE A 251 -14.25 0.37 18.52
C PHE A 251 -14.57 1.50 19.46
N PRO A 252 -14.28 2.72 19.06
CA PRO A 252 -14.74 3.84 19.86
C PRO A 252 -16.25 3.93 19.97
N ASP A 253 -16.75 4.55 21.05
CA ASP A 253 -18.17 4.82 21.18
C ASP A 253 -18.72 5.69 20.08
N GLN A 254 -17.96 6.68 19.65
CA GLN A 254 -18.39 7.58 18.59
C GLN A 254 -17.22 7.73 17.63
N PRO A 255 -17.43 7.78 16.32
CA PRO A 255 -18.72 7.65 15.68
C PRO A 255 -19.25 6.24 15.76
N ASP A 256 -20.57 6.13 15.66
CA ASP A 256 -21.26 4.89 16.02
C ASP A 256 -21.48 4.06 14.75
N ILE A 257 -20.59 3.15 14.38
CA ILE A 257 -20.75 2.56 13.05
C ILE A 257 -21.66 1.36 13.09
N ALA A 258 -22.03 0.93 11.92
CA ALA A 258 -22.93 -0.23 11.74
C ALA A 258 -22.35 -1.49 12.25
N GLU A 259 -23.21 -2.35 12.77
CA GLU A 259 -22.71 -3.62 13.28
C GLU A 259 -22.11 -4.54 12.19
N ASP A 260 -22.67 -4.49 11.02
CA ASP A 260 -22.11 -5.35 9.98
C ASP A 260 -20.68 -4.86 9.58
N LEU A 261 -20.42 -3.58 9.61
CA LEU A 261 -19.05 -3.05 9.42
C LEU A 261 -18.13 -3.55 10.55
N LYS A 262 -18.57 -3.45 11.80
CA LYS A 262 -17.79 -3.98 12.92
C LYS A 262 -17.45 -5.45 12.66
N ASP A 263 -18.40 -6.21 12.18
CA ASP A 263 -18.16 -7.63 11.91
C ASP A 263 -17.09 -7.83 10.85
N LEU A 264 -17.19 -7.09 9.75
CA LEU A 264 -16.21 -7.18 8.71
C LEU A 264 -14.81 -6.83 9.21
N ILE A 265 -14.72 -5.71 9.89
CA ILE A 265 -13.40 -5.33 10.45
C ILE A 265 -12.85 -6.35 11.41
N THR A 266 -13.73 -6.87 12.26
CA THR A 266 -13.33 -7.89 13.23
C THR A 266 -12.76 -9.09 12.51
N ARG A 267 -13.38 -9.48 11.41
CA ARG A 267 -12.92 -10.66 10.65
C ARG A 267 -11.63 -10.42 9.93
N MET A 268 -11.46 -9.20 9.42
CA MET A 268 -10.17 -8.84 8.77
C MET A 268 -9.04 -8.72 9.76
N LEU A 269 -9.37 -8.32 10.98
CA LEU A 269 -8.41 -8.16 12.06
C LEU A 269 -8.41 -9.34 13.02
N ASP A 270 -8.77 -10.53 12.51
CA ASP A 270 -8.56 -11.75 13.24
C ASP A 270 -7.06 -11.94 13.38
N LYS A 271 -6.58 -12.03 14.59
CA LYS A 271 -5.15 -12.27 14.81
C LYS A 271 -4.61 -13.60 14.29
N ASN A 272 -5.48 -14.56 14.09
CA ASN A 272 -5.07 -15.82 13.52
C ASN A 272 -5.24 -15.79 12.01
N PRO A 273 -4.14 -15.75 11.27
CA PRO A 273 -4.29 -15.72 9.79
C PRO A 273 -4.98 -16.96 9.23
N GLU A 274 -5.01 -18.04 9.98
CA GLU A 274 -5.69 -19.20 9.39
C GLU A 274 -7.17 -19.04 9.32
N SER A 275 -7.76 -18.27 10.22
CA SER A 275 -9.20 -18.04 10.19
C SER A 275 -9.62 -16.66 9.66
N ARG A 276 -8.62 -15.77 9.45
CA ARG A 276 -8.94 -14.45 9.00
C ARG A 276 -9.65 -14.54 7.62
N ILE A 277 -10.61 -13.61 7.47
CA ILE A 277 -11.36 -13.57 6.25
C ILE A 277 -10.49 -13.41 5.03
N VAL A 278 -10.84 -14.00 3.90
CA VAL A 278 -10.13 -13.91 2.67
C VAL A 278 -10.84 -12.95 1.69
N VAL A 279 -10.15 -12.46 0.70
CA VAL A 279 -10.72 -11.48 -0.22
C VAL A 279 -11.98 -11.91 -0.87
N PRO A 280 -12.05 -13.15 -1.40
CA PRO A 280 -13.32 -13.54 -2.04
C PRO A 280 -14.53 -13.50 -1.07
N GLU A 281 -14.32 -13.70 0.24
CA GLU A 281 -15.32 -13.55 1.23
C GLU A 281 -15.64 -12.12 1.57
N ILE A 282 -14.61 -11.26 1.64
CA ILE A 282 -14.81 -9.83 1.86
C ILE A 282 -15.77 -9.29 0.78
N LYS A 283 -15.55 -9.70 -0.48
CA LYS A 283 -16.38 -9.20 -1.56
C LYS A 283 -17.85 -9.51 -1.37
N LEU A 284 -18.13 -10.61 -0.72
CA LEU A 284 -19.48 -11.01 -0.49
C LEU A 284 -20.03 -10.71 0.93
N HIS A 285 -19.28 -9.96 1.73
CA HIS A 285 -19.74 -9.64 3.08
C HIS A 285 -20.93 -8.73 2.97
N PRO A 286 -21.89 -8.89 3.87
CA PRO A 286 -23.05 -8.03 3.78
C PRO A 286 -22.82 -6.51 3.81
N TRP A 287 -21.80 -6.06 4.52
CA TRP A 287 -21.54 -4.66 4.52
C TRP A 287 -21.12 -4.14 3.16
N VAL A 288 -20.34 -4.96 2.42
CA VAL A 288 -19.81 -4.58 1.14
C VAL A 288 -20.91 -4.58 0.11
N THR A 289 -21.86 -5.52 0.20
CA THR A 289 -22.82 -5.69 -0.88
C THR A 289 -24.04 -4.81 -0.71
N ARG A 290 -24.22 -4.14 0.42
CA ARG A 290 -25.43 -3.28 0.55
C ARG A 290 -25.06 -1.86 0.20
N HIS A 291 -26.02 -0.96 0.03
CA HIS A 291 -25.63 0.45 -0.17
C HIS A 291 -26.31 1.39 0.81
C1 O7I B . 1.68 9.22 -7.79
C2 O7I B . 1.07 10.38 -7.31
C3 O7I B . 1.49 10.99 -6.15
C4 O7I B . 0.88 12.16 -5.74
C5 O7I B . -0.19 12.73 -6.42
C6 O7I B . -1.64 14.53 -6.76
N1 O7I B . -0.39 10.35 -9.14
N2 O7I B . 1.21 8.68 -8.92
O1 O7I B . -0.72 13.86 -5.89
C7 O7I B . -2.00 15.81 -6.03
C8 O7I B . -0.62 12.11 -7.59
C9 O7I B . 0.01 10.95 -8.03
C10 O7I B . 0.20 9.25 -9.57
C11 O7I B . 2.71 8.49 -7.14
C12 O7I B . 2.67 8.29 -5.75
C13 O7I B . 3.63 7.53 -5.09
C14 O7I B . 3.61 7.39 -3.57
C15 O7I B . 3.93 8.74 -2.97
O2 O7I B . 6.39 6.48 -4.25
C16 O7I B . 3.06 8.83 -1.72
C17 O7I B . 1.77 8.07 -2.08
C18 O7I B . 2.19 7.01 -3.09
C19 O7I B . 4.62 6.91 -5.82
C20 O7I B . 5.70 6.02 -5.17
O3 O7I B . 5.84 4.89 -5.68
C21 O7I B . 4.63 7.03 -7.21
C22 O7I B . 3.67 7.81 -7.87
S SO4 C . 7.70 26.16 -12.00
O1 SO4 C . 7.38 26.36 -13.45
O2 SO4 C . 7.20 24.79 -11.61
O3 SO4 C . 7.01 27.20 -11.20
O4 SO4 C . 9.15 26.17 -11.67
S SO4 D . 7.91 -20.89 18.40
O1 SO4 D . 7.42 -22.02 19.25
O2 SO4 D . 8.18 -21.43 17.06
O3 SO4 D . 9.20 -20.36 18.88
O4 SO4 D . 6.92 -19.78 18.37
S SO4 E . -1.73 6.17 6.13
O1 SO4 E . -2.71 7.24 5.94
O2 SO4 E . -2.22 4.96 5.55
O3 SO4 E . -0.49 6.54 5.47
O4 SO4 E . -1.36 5.91 7.49
S SO4 F . -6.04 16.26 9.97
O1 SO4 F . -6.84 16.18 11.21
O2 SO4 F . -6.72 15.73 8.81
O3 SO4 F . -4.74 15.57 10.16
O4 SO4 F . -5.68 17.68 9.69
C1 EDO G . 10.92 -5.37 -4.98
O1 EDO G . 11.75 -6.04 -4.02
C2 EDO G . 9.95 -4.45 -4.27
O2 EDO G . 8.91 -4.25 -5.24
C1 EDO H . 17.11 -6.57 -12.92
O1 EDO H . 17.99 -5.73 -12.16
C2 EDO H . 16.97 -6.09 -14.36
O2 EDO H . 17.45 -7.09 -15.27
#